data_3SKK
#
_entry.id   3SKK
#
_cell.length_a   90.094
_cell.length_b   90.094
_cell.length_c   69.362
_cell.angle_alpha   90.00
_cell.angle_beta   90.00
_cell.angle_gamma   120.00
#
_symmetry.space_group_name_H-M   'P 3'
#
loop_
_entity.id
_entity.type
_entity.pdbx_description
1 polymer Arginase-1
2 non-polymer 'MANGANESE (II) ION'
3 non-polymer [(5S)-5-amino-5-carboxy-6,6-difluorohexyl](trihydroxy)borate(1-)
4 water water
#
_entity_poly.entity_id   1
_entity_poly.type   'polypeptide(L)'
_entity_poly.pdbx_seq_one_letter_code
;MSAKSRTIGIIGAPFSKGQPRGGVEEGPTVLRKAGLLEKLKEQECDVKDYGDLPFADIPNDSPFQIVKNPRSVGKASEQL
AGKVAEVKKNGRISLVLGGDHSLAIGSISGHARVHPDLGVIWVDAHTDINTPLTTTSGNLHGQPVSFLLKELKGKIPDVP
GFSWVTPCISAKDIVYIGLRDVDPGEHYILKTLGIKYFSMTEVDRLGIGKVMEETLSYLLGRKKRPIHLSFDVDGLDPSF
TPATGTPVVGGLTYREGLYITEEIYKTGLLSGLDIMEVNPSLGKTPEEVTRTVNTAVAITLACFGLAREGNHKPIDYLNP
PK
;
_entity_poly.pdbx_strand_id   A,B
#
# COMPACT_ATOMS: atom_id res chain seq x y z
N ARG A 6 35.41 19.04 6.37
CA ARG A 6 34.25 18.72 7.20
C ARG A 6 34.16 17.24 7.55
N THR A 7 33.46 16.92 8.64
CA THR A 7 33.31 15.53 9.07
C THR A 7 31.86 15.07 8.89
N ILE A 8 31.68 13.77 8.66
CA ILE A 8 30.37 13.23 8.33
C ILE A 8 29.98 12.04 9.19
N GLY A 9 28.70 11.97 9.54
CA GLY A 9 28.13 10.87 10.29
C GLY A 9 26.93 10.26 9.57
N ILE A 10 27.10 9.03 9.09
CA ILE A 10 26.03 8.32 8.38
C ILE A 10 25.14 7.59 9.37
N ILE A 11 23.84 7.65 9.13
CA ILE A 11 22.86 6.91 9.93
C ILE A 11 21.88 6.25 8.99
N GLY A 12 21.84 4.93 8.99
CA GLY A 12 20.84 4.21 8.21
C GLY A 12 19.50 4.15 8.93
N ALA A 13 18.42 4.43 8.21
CA ALA A 13 17.10 4.39 8.81
C ALA A 13 16.14 3.56 7.97
N PRO A 14 16.32 2.23 8.01
CA PRO A 14 15.51 1.28 7.25
C PRO A 14 14.11 1.14 7.86
N PHE A 15 13.26 2.13 7.62
CA PHE A 15 11.91 2.18 8.20
C PHE A 15 10.91 2.56 7.11
N SER A 16 9.72 1.97 7.16
CA SER A 16 8.73 2.16 6.10
C SER A 16 7.29 2.40 6.56
N LYS A 17 7.04 2.35 7.87
CA LYS A 17 5.67 2.40 8.38
C LYS A 17 4.99 3.77 8.25
N GLY A 18 5.70 4.75 7.70
CA GLY A 18 5.11 6.04 7.43
C GLY A 18 4.30 6.00 6.14
N GLN A 19 4.30 4.83 5.51
CA GLN A 19 3.56 4.63 4.27
C GLN A 19 3.40 3.12 3.99
N PRO A 20 2.58 2.75 3.00
CA PRO A 20 2.18 1.36 2.76
C PRO A 20 3.23 0.41 2.18
N ARG A 21 4.14 0.92 1.36
CA ARG A 21 5.09 0.07 0.64
C ARG A 21 6.35 -0.23 1.45
N GLY A 22 6.65 -1.51 1.67
CA GLY A 22 7.74 -1.90 2.54
C GLY A 22 9.16 -1.70 2.04
N GLY A 23 9.35 -1.76 0.73
CA GLY A 23 10.68 -1.77 0.15
C GLY A 23 11.54 -0.55 0.43
N VAL A 24 10.95 0.51 0.94
CA VAL A 24 11.73 1.71 1.22
C VAL A 24 12.70 1.43 2.36
N GLU A 25 12.46 0.36 3.11
CA GLU A 25 13.41 0.06 4.19
C GLU A 25 14.71 -0.53 3.64
N GLU A 26 14.79 -0.67 2.32
CA GLU A 26 16.00 -1.15 1.66
C GLU A 26 16.87 -0.01 1.19
N GLY A 27 16.41 1.22 1.36
CA GLY A 27 17.16 2.41 0.98
C GLY A 27 18.62 2.42 1.43
N PRO A 28 18.86 2.22 2.74
CA PRO A 28 20.25 2.28 3.20
C PRO A 28 21.10 1.17 2.63
N THR A 29 20.52 -0.02 2.45
CA THR A 29 21.29 -1.13 1.89
C THR A 29 21.79 -0.81 0.49
N VAL A 30 20.86 -0.41 -0.39
CA VAL A 30 21.23 -0.15 -1.78
C VAL A 30 22.11 1.08 -1.96
N LEU A 31 21.94 2.06 -1.08
CA LEU A 31 22.79 3.25 -1.13
C LEU A 31 24.23 2.93 -0.72
N ARG A 32 24.39 2.09 0.28
CA ARG A 32 25.72 1.62 0.66
C ARG A 32 26.32 0.68 -0.38
N LYS A 33 25.52 -0.20 -0.97
CA LYS A 33 26.03 -1.13 -1.98
C LYS A 33 26.56 -0.38 -3.17
N ALA A 34 26.06 0.84 -3.35
CA ALA A 34 26.43 1.67 -4.49
C ALA A 34 27.79 2.33 -4.26
N GLY A 35 28.34 2.17 -3.06
CA GLY A 35 29.67 2.66 -2.76
C GLY A 35 29.68 4.06 -2.19
N LEU A 36 28.61 4.43 -1.51
CA LEU A 36 28.47 5.79 -0.98
C LEU A 36 29.58 6.16 0.00
N LEU A 37 29.86 5.28 0.97
CA LEU A 37 30.85 5.59 2.02
C LEU A 37 32.21 5.91 1.42
N GLU A 38 32.67 5.04 0.53
CA GLU A 38 33.98 5.20 -0.10
C GLU A 38 34.02 6.46 -0.94
N LYS A 39 32.91 6.75 -1.63
CA LYS A 39 32.85 7.93 -2.47
C LYS A 39 32.86 9.21 -1.64
N LEU A 40 32.23 9.16 -0.48
CA LEU A 40 32.29 10.28 0.44
C LEU A 40 33.74 10.45 0.86
N LYS A 41 34.37 9.34 1.19
CA LYS A 41 35.75 9.36 1.65
C LYS A 41 36.70 9.93 0.60
N GLU A 42 36.32 9.85 -0.67
CA GLU A 42 37.12 10.44 -1.76
C GLU A 42 37.12 11.97 -1.70
N GLN A 43 36.12 12.55 -1.06
CA GLN A 43 36.03 14.01 -0.97
C GLN A 43 36.59 14.55 0.33
N GLU A 44 36.33 15.83 0.61
CA GLU A 44 36.85 16.51 1.79
C GLU A 44 36.24 15.99 3.09
N CYS A 45 36.09 14.66 3.19
CA CYS A 45 35.30 14.05 4.25
C CYS A 45 36.05 13.06 5.13
N ASP A 46 35.89 13.25 6.45
CA ASP A 46 36.22 12.24 7.47
C ASP A 46 34.88 11.60 7.81
N VAL A 47 34.69 10.36 7.37
CA VAL A 47 33.36 9.77 7.40
C VAL A 47 33.25 8.61 8.37
N LYS A 48 32.21 8.67 9.22
CA LYS A 48 31.92 7.61 10.16
C LYS A 48 30.50 7.08 9.97
N ASP A 49 30.39 5.76 9.94
CA ASP A 49 29.11 5.11 9.77
C ASP A 49 28.61 4.69 11.14
N TYR A 50 27.49 5.27 11.54
CA TYR A 50 26.86 4.93 12.80
C TYR A 50 25.90 3.76 12.62
N GLY A 51 25.97 3.15 11.44
CA GLY A 51 25.20 1.94 11.16
C GLY A 51 23.73 2.19 10.92
N ASP A 52 22.98 1.10 10.84
CA ASP A 52 21.54 1.16 10.63
C ASP A 52 20.81 1.07 11.95
N LEU A 53 19.85 1.96 12.16
CA LEU A 53 19.02 1.89 13.35
C LEU A 53 18.20 0.60 13.36
N PRO A 54 18.15 -0.06 14.53
CA PRO A 54 17.32 -1.27 14.67
C PRO A 54 15.94 -0.85 15.15
N PHE A 55 14.95 -0.88 14.27
CA PHE A 55 13.60 -0.50 14.64
C PHE A 55 12.77 -1.70 15.05
N ALA A 56 12.68 -1.95 16.35
CA ALA A 56 11.91 -3.07 16.87
C ALA A 56 10.49 -3.02 16.36
N ASP A 57 9.86 -4.18 16.21
CA ASP A 57 8.48 -4.24 15.78
C ASP A 57 7.56 -3.73 16.86
N ILE A 58 6.49 -3.04 16.48
CA ILE A 58 5.41 -2.74 17.42
C ILE A 58 4.13 -3.37 16.86
N PRO A 59 3.95 -4.69 17.10
CA PRO A 59 2.83 -5.45 16.54
C PRO A 59 1.47 -4.83 16.84
N ASN A 60 1.32 -4.26 18.02
CA ASN A 60 0.07 -3.59 18.39
C ASN A 60 0.12 -2.11 18.10
N ASP A 61 -0.39 -1.73 16.93
CA ASP A 61 -0.32 -0.36 16.50
C ASP A 61 -1.49 -0.06 15.58
N SER A 62 -2.70 -0.04 16.13
CA SER A 62 -3.88 0.17 15.33
C SER A 62 -4.01 1.66 15.00
N PRO A 63 -4.70 1.98 13.90
CA PRO A 63 -4.77 3.37 13.45
C PRO A 63 -5.28 4.30 14.55
N PHE A 64 -4.69 5.50 14.65
CA PHE A 64 -5.26 6.58 15.44
C PHE A 64 -6.19 7.36 14.52
N GLN A 65 -7.49 7.29 14.77
CA GLN A 65 -8.45 7.76 13.78
C GLN A 65 -8.09 7.16 12.42
N ILE A 66 -7.65 7.99 11.48
CA ILE A 66 -7.32 7.54 10.13
C ILE A 66 -5.81 7.35 9.98
N VAL A 67 -5.06 7.84 10.97
CA VAL A 67 -3.60 7.85 10.93
C VAL A 67 -3.02 6.46 11.19
N LYS A 68 -2.17 6.01 10.26
CA LYS A 68 -1.70 4.63 10.24
C LYS A 68 -0.32 4.42 10.89
N ASN A 69 -0.20 3.30 11.62
CA ASN A 69 1.06 2.90 12.27
C ASN A 69 1.68 3.99 13.15
N PRO A 70 0.85 4.68 13.96
CA PRO A 70 1.35 5.87 14.66
C PRO A 70 2.45 5.59 15.69
N ARG A 71 2.35 4.47 16.41
CA ARG A 71 3.37 4.15 17.41
C ARG A 71 4.71 3.75 16.80
N SER A 72 4.65 3.00 15.69
CA SER A 72 5.83 2.57 14.97
C SER A 72 6.53 3.78 14.37
N VAL A 73 5.76 4.64 13.72
CA VAL A 73 6.33 5.86 13.15
C VAL A 73 6.94 6.74 14.24
N GLY A 74 6.20 6.94 15.33
CA GLY A 74 6.62 7.83 16.41
C GLY A 74 7.89 7.36 17.09
N LYS A 75 7.98 6.06 17.36
CA LYS A 75 9.16 5.48 17.99
C LYS A 75 10.42 5.58 17.12
N ALA A 76 10.26 5.26 15.83
CA ALA A 76 11.35 5.33 14.87
C ALA A 76 11.94 6.74 14.78
N SER A 77 11.07 7.74 14.69
CA SER A 77 11.54 9.12 14.71
C SER A 77 12.13 9.50 16.06
N GLU A 78 11.57 8.98 17.15
CA GLU A 78 12.14 9.21 18.47
C GLU A 78 13.56 8.66 18.55
N GLN A 79 13.76 7.43 18.10
CA GLN A 79 15.10 6.85 18.07
C GLN A 79 16.03 7.65 17.17
N LEU A 80 15.55 7.98 15.98
CA LEU A 80 16.35 8.72 15.01
C LEU A 80 16.86 10.04 15.57
N ALA A 81 16.00 10.73 16.33
CA ALA A 81 16.35 12.02 16.89
C ALA A 81 17.54 11.91 17.83
N GLY A 82 17.54 10.84 18.64
CA GLY A 82 18.64 10.59 19.54
C GLY A 82 19.95 10.39 18.80
N LYS A 83 19.92 9.66 17.70
CA LYS A 83 21.14 9.35 16.97
C LYS A 83 21.66 10.59 16.27
N VAL A 84 20.75 11.34 15.65
CA VAL A 84 21.12 12.59 14.99
C VAL A 84 21.77 13.55 15.98
N ALA A 85 21.18 13.67 17.16
CA ALA A 85 21.68 14.59 18.17
C ALA A 85 23.08 14.18 18.61
N GLU A 86 23.32 12.89 18.71
CA GLU A 86 24.65 12.41 19.05
C GLU A 86 25.65 12.68 17.95
N VAL A 87 25.24 12.45 16.72
CA VAL A 87 26.10 12.72 15.57
C VAL A 87 26.46 14.20 15.59
N LYS A 88 25.47 15.04 15.89
CA LYS A 88 25.67 16.47 15.90
C LYS A 88 26.60 16.91 17.04
N LYS A 89 26.41 16.33 18.23
CA LYS A 89 27.30 16.63 19.34
C LYS A 89 28.75 16.25 18.99
N ASN A 90 28.89 15.22 18.14
CA ASN A 90 30.20 14.79 17.68
C ASN A 90 30.82 15.71 16.64
N GLY A 91 30.16 16.84 16.38
CA GLY A 91 30.65 17.81 15.43
C GLY A 91 30.54 17.42 13.96
N ARG A 92 29.74 16.39 13.69
CA ARG A 92 29.65 15.86 12.33
C ARG A 92 28.36 16.26 11.66
N ILE A 93 28.39 16.38 10.34
CA ILE A 93 27.18 16.54 9.55
C ILE A 93 26.47 15.19 9.52
N SER A 94 25.20 15.17 9.91
CA SER A 94 24.41 13.94 9.90
C SER A 94 23.88 13.64 8.51
N LEU A 95 24.02 12.40 8.09
CA LEU A 95 23.53 11.92 6.80
C LEU A 95 22.60 10.76 7.07
N VAL A 96 21.30 11.02 6.99
CA VAL A 96 20.28 10.01 7.21
C VAL A 96 19.84 9.41 5.89
N LEU A 97 19.97 8.08 5.79
CA LEU A 97 19.55 7.36 4.62
C LEU A 97 18.19 6.76 4.92
N GLY A 98 17.17 7.20 4.19
CA GLY A 98 15.82 6.68 4.39
C GLY A 98 15.63 5.41 3.59
N GLY A 99 14.49 4.74 3.78
CA GLY A 99 13.50 5.13 4.76
C GLY A 99 12.47 6.10 4.20
N ASP A 100 11.24 6.02 4.71
CA ASP A 100 10.17 6.93 4.28
C ASP A 100 10.33 8.30 4.96
N HIS A 101 9.62 9.30 4.44
CA HIS A 101 9.87 10.67 4.85
C HIS A 101 9.32 11.03 6.23
N SER A 102 8.54 10.14 6.84
CA SER A 102 8.07 10.42 8.19
C SER A 102 9.25 10.63 9.12
N LEU A 103 10.39 10.01 8.79
CA LEU A 103 11.60 10.07 9.63
C LEU A 103 12.16 11.49 9.80
N ALA A 104 11.78 12.41 8.93
CA ALA A 104 12.23 13.78 9.07
C ALA A 104 11.78 14.36 10.41
N ILE A 105 10.72 13.81 10.99
CA ILE A 105 10.27 14.29 12.29
C ILE A 105 11.42 14.13 13.29
N GLY A 106 12.02 12.94 13.32
CA GLY A 106 13.12 12.67 14.22
C GLY A 106 14.44 13.29 13.80
N SER A 107 14.69 13.35 12.50
CA SER A 107 15.96 13.87 12.02
C SER A 107 16.09 15.35 12.32
N ILE A 108 15.11 16.14 11.90
CA ILE A 108 15.09 17.57 12.18
C ILE A 108 15.06 17.89 13.69
N SER A 109 14.21 17.18 14.43
CA SER A 109 14.15 17.30 15.88
C SER A 109 15.53 17.13 16.51
N GLY A 110 16.20 16.03 16.19
CA GLY A 110 17.48 15.72 16.78
C GLY A 110 18.52 16.77 16.43
N HIS A 111 18.54 17.15 15.16
CA HIS A 111 19.39 18.23 14.69
C HIS A 111 19.16 19.49 15.51
N ALA A 112 17.90 19.90 15.64
CA ALA A 112 17.52 21.12 16.34
C ALA A 112 17.83 21.13 17.84
N ARG A 113 18.02 19.95 18.44
CA ARG A 113 18.41 19.88 19.84
C ARG A 113 19.78 20.53 20.03
N VAL A 114 20.67 20.28 19.08
CA VAL A 114 22.04 20.78 19.15
C VAL A 114 22.17 22.13 18.44
N HIS A 115 21.36 22.32 17.39
CA HIS A 115 21.39 23.56 16.63
C HIS A 115 20.01 24.16 16.48
N PRO A 116 19.47 24.69 17.59
CA PRO A 116 18.11 25.21 17.62
C PRO A 116 17.81 26.20 16.50
N ASP A 117 18.85 26.85 15.97
CA ASP A 117 18.69 27.95 14.99
C ASP A 117 18.74 27.52 13.52
N LEU A 118 18.62 26.23 13.26
CA LEU A 118 18.71 25.74 11.89
C LEU A 118 17.57 26.28 11.00
N GLY A 119 17.84 26.35 9.69
CA GLY A 119 16.80 26.58 8.71
C GLY A 119 16.69 25.32 7.88
N VAL A 120 15.50 25.06 7.35
CA VAL A 120 15.25 23.83 6.60
C VAL A 120 14.97 24.10 5.13
N ILE A 121 15.65 23.38 4.25
CA ILE A 121 15.29 23.39 2.84
C ILE A 121 14.69 22.03 2.55
N TRP A 122 13.47 22.03 2.02
CA TRP A 122 12.72 20.79 1.82
C TRP A 122 12.50 20.59 0.33
N VAL A 123 13.19 19.61 -0.25
CA VAL A 123 13.06 19.34 -1.69
C VAL A 123 12.16 18.14 -1.92
N ASP A 124 11.07 18.34 -2.67
CA ASP A 124 9.99 17.36 -2.66
C ASP A 124 8.94 17.76 -3.68
N ALA A 125 8.21 16.79 -4.22
CA ALA A 125 7.01 17.07 -5.04
C ALA A 125 5.84 17.45 -4.13
N HIS A 126 5.99 17.14 -2.84
CA HIS A 126 4.91 17.31 -1.88
C HIS A 126 5.35 18.18 -0.70
N THR A 127 4.38 18.78 -0.01
CA THR A 127 4.66 19.62 1.14
C THR A 127 4.76 18.85 2.47
N ASP A 128 4.26 17.63 2.48
CA ASP A 128 4.34 16.79 3.68
C ASP A 128 3.93 17.51 4.96
N ILE A 129 2.90 18.34 4.84
CA ILE A 129 2.48 19.21 5.94
C ILE A 129 1.02 18.96 6.32
N ASN A 130 0.44 17.86 5.87
CA ASN A 130 -0.87 17.46 6.39
C ASN A 130 -0.81 17.18 7.89
N THR A 131 -1.83 17.61 8.61
CA THR A 131 -1.96 17.25 10.02
C THR A 131 -2.66 15.90 10.08
N PRO A 132 -2.72 15.27 11.27
CA PRO A 132 -3.53 14.05 11.43
C PRO A 132 -4.98 14.30 11.10
N LEU A 133 -5.39 15.56 11.07
CA LEU A 133 -6.79 15.92 10.82
C LEU A 133 -7.03 16.43 9.41
N THR A 134 -5.99 16.71 8.64
CA THR A 134 -6.22 17.08 7.25
C THR A 134 -5.85 15.97 6.28
N THR A 135 -5.06 15.02 6.75
CA THR A 135 -4.62 13.96 5.86
C THR A 135 -5.80 13.20 5.30
N THR A 136 -5.70 12.81 4.04
CA THR A 136 -6.70 11.95 3.40
C THR A 136 -6.21 10.49 3.41
N SER A 137 -4.90 10.32 3.22
CA SER A 137 -4.31 9.00 3.09
C SER A 137 -4.13 8.31 4.44
N GLY A 138 -3.78 9.08 5.46
CA GLY A 138 -3.45 8.52 6.76
C GLY A 138 -1.99 8.11 6.86
N ASN A 139 -1.26 8.23 5.75
CA ASN A 139 0.15 7.89 5.72
C ASN A 139 0.99 8.99 6.35
N LEU A 140 1.78 8.66 7.37
CA LEU A 140 2.49 9.70 8.12
C LEU A 140 3.65 10.35 7.36
N HIS A 141 4.10 9.71 6.27
CA HIS A 141 5.15 10.34 5.47
C HIS A 141 4.64 11.59 4.74
N GLY A 142 3.34 11.85 4.80
CA GLY A 142 2.79 13.06 4.20
C GLY A 142 2.41 14.08 5.26
N GLN A 143 2.91 13.87 6.48
CA GLN A 143 2.59 14.73 7.62
C GLN A 143 3.78 15.27 8.46
N PRO A 144 5.03 14.87 8.16
CA PRO A 144 6.11 15.21 9.10
C PRO A 144 6.24 16.70 9.42
N VAL A 145 6.06 17.58 8.45
CA VAL A 145 6.30 19.00 8.69
C VAL A 145 5.28 19.58 9.65
N SER A 146 4.06 19.06 9.65
CA SER A 146 3.04 19.57 10.56
C SER A 146 3.43 19.32 12.02
N PHE A 147 4.22 18.29 12.28
CA PHE A 147 4.64 17.95 13.65
C PHE A 147 5.76 18.85 14.17
N LEU A 148 6.46 19.50 13.25
CA LEU A 148 7.65 20.28 13.58
C LEU A 148 7.42 21.77 13.76
N LEU A 149 6.34 22.31 13.17
CA LEU A 149 6.17 23.74 13.15
C LEU A 149 5.41 24.22 14.36
N LYS A 150 6.03 25.15 15.10
CA LYS A 150 5.44 25.73 16.32
C LYS A 150 4.05 26.30 16.05
N GLU A 151 3.89 26.91 14.88
CA GLU A 151 2.68 27.63 14.53
C GLU A 151 1.48 26.68 14.40
N LEU A 152 1.77 25.39 14.30
CA LEU A 152 0.73 24.38 14.12
C LEU A 152 0.44 23.61 15.42
N LYS A 153 1.22 23.86 16.47
CA LYS A 153 0.93 23.21 17.74
C LYS A 153 -0.41 23.74 18.25
N GLY A 154 -1.29 22.82 18.61
CA GLY A 154 -2.66 23.17 18.92
C GLY A 154 -3.57 22.66 17.82
N LYS A 155 -2.96 22.28 16.70
CA LYS A 155 -3.67 21.68 15.58
C LYS A 155 -3.28 20.21 15.36
N ILE A 156 -2.25 19.77 16.08
CA ILE A 156 -1.88 18.37 16.07
C ILE A 156 -2.39 17.72 17.35
N PRO A 157 -3.32 16.76 17.21
CA PRO A 157 -3.83 16.01 18.37
C PRO A 157 -2.72 15.20 19.03
N ASP A 158 -2.97 14.68 20.23
CA ASP A 158 -2.03 13.81 20.88
C ASP A 158 -2.12 12.41 20.25
N VAL A 159 -1.20 12.14 19.33
CA VAL A 159 -1.16 10.88 18.60
C VAL A 159 -0.26 9.88 19.32
N PRO A 160 -0.72 8.64 19.50
CA PRO A 160 0.14 7.67 20.18
C PRO A 160 1.48 7.58 19.48
N GLY A 161 2.56 7.62 20.25
CA GLY A 161 3.89 7.48 19.71
C GLY A 161 4.61 8.80 19.55
N PHE A 162 3.87 9.90 19.65
CA PHE A 162 4.44 11.23 19.39
C PHE A 162 4.43 12.18 20.59
N SER A 163 4.25 11.65 21.80
CA SER A 163 4.22 12.52 22.98
C SER A 163 5.56 13.25 23.16
N TRP A 164 6.63 12.67 22.65
CA TRP A 164 7.97 13.23 22.84
C TRP A 164 8.23 14.43 21.95
N VAL A 165 7.34 14.67 20.99
CA VAL A 165 7.57 15.74 20.03
C VAL A 165 7.26 17.11 20.60
N THR A 166 8.21 18.02 20.42
CA THR A 166 8.04 19.43 20.75
C THR A 166 8.37 20.19 19.49
N PRO A 167 7.37 20.84 18.87
CA PRO A 167 7.63 21.56 17.63
C PRO A 167 8.59 22.73 17.86
N CYS A 168 9.85 22.59 17.46
CA CYS A 168 10.86 23.63 17.73
C CYS A 168 11.29 24.42 16.49
N ILE A 169 10.54 24.31 15.40
CA ILE A 169 10.88 24.99 14.16
C ILE A 169 9.78 25.96 13.76
N SER A 170 10.15 27.16 13.34
CA SER A 170 9.16 28.14 12.91
C SER A 170 8.87 28.05 11.42
N ALA A 171 7.59 28.18 11.07
CA ALA A 171 7.15 28.26 9.68
C ALA A 171 7.98 29.21 8.83
N LYS A 172 8.57 30.23 9.47
CA LYS A 172 9.35 31.22 8.74
C LYS A 172 10.77 30.75 8.43
N ASP A 173 11.16 29.60 8.95
CA ASP A 173 12.53 29.11 8.80
C ASP A 173 12.64 27.87 7.89
N ILE A 174 11.68 27.72 6.98
CA ILE A 174 11.67 26.59 6.04
C ILE A 174 11.37 27.08 4.62
N VAL A 175 12.03 26.49 3.63
CA VAL A 175 11.74 26.77 2.22
C VAL A 175 11.49 25.45 1.48
N TYR A 176 10.39 25.39 0.72
CA TYR A 176 10.12 24.25 -0.15
C TYR A 176 10.68 24.53 -1.53
N ILE A 177 11.21 23.49 -2.18
CA ILE A 177 11.53 23.57 -3.61
C ILE A 177 11.03 22.32 -4.30
N GLY A 178 10.30 22.47 -5.40
CA GLY A 178 9.91 21.32 -6.21
C GLY A 178 8.44 20.93 -6.23
N LEU A 179 7.62 21.64 -5.46
CA LEU A 179 6.23 21.28 -5.24
C LEU A 179 5.40 21.19 -6.53
N ARG A 180 4.58 20.16 -6.63
CA ARG A 180 3.70 20.00 -7.77
C ARG A 180 2.49 19.10 -7.50
N ASP A 181 2.34 18.65 -6.25
CA ASP A 181 1.17 17.90 -5.83
C ASP A 181 0.88 18.18 -4.35
N VAL A 182 0.10 19.22 -4.13
CA VAL A 182 -0.19 19.73 -2.80
C VAL A 182 -1.69 19.60 -2.52
N ASP A 183 -2.03 18.96 -1.39
CA ASP A 183 -3.41 18.77 -1.00
C ASP A 183 -4.02 20.13 -0.63
N PRO A 184 -5.35 20.29 -0.80
CA PRO A 184 -6.01 21.57 -0.55
C PRO A 184 -5.80 22.06 0.88
N GLY A 185 -5.89 21.17 1.85
CA GLY A 185 -5.56 21.51 3.22
C GLY A 185 -4.14 22.01 3.36
N GLU A 186 -3.20 21.38 2.66
CA GLU A 186 -1.81 21.81 2.69
C GLU A 186 -1.62 23.18 2.05
N HIS A 187 -2.28 23.41 0.94
CA HIS A 187 -2.20 24.71 0.29
C HIS A 187 -2.74 25.80 1.22
N TYR A 188 -3.83 25.50 1.92
CA TYR A 188 -4.35 26.45 2.88
C TYR A 188 -3.29 26.79 3.93
N ILE A 189 -2.63 25.77 4.48
CA ILE A 189 -1.60 25.97 5.49
C ILE A 189 -0.45 26.83 4.96
N LEU A 190 0.02 26.53 3.74
CA LEU A 190 1.06 27.34 3.09
C LEU A 190 0.75 28.81 3.07
N LYS A 191 -0.43 29.15 2.53
CA LYS A 191 -0.85 30.54 2.37
C LYS A 191 -1.08 31.16 3.72
N THR A 192 -1.66 30.39 4.62
CA THR A 192 -2.02 30.92 5.93
C THR A 192 -0.81 31.24 6.81
N LEU A 193 0.19 30.36 6.80
CA LEU A 193 1.39 30.60 7.62
C LEU A 193 2.46 31.42 6.90
N GLY A 194 2.22 31.72 5.63
CA GLY A 194 3.15 32.51 4.86
C GLY A 194 4.47 31.81 4.64
N ILE A 195 4.42 30.52 4.37
CA ILE A 195 5.61 29.71 4.14
C ILE A 195 6.25 29.98 2.78
N LYS A 196 7.57 30.14 2.78
CA LYS A 196 8.32 30.37 1.55
C LYS A 196 8.37 29.07 0.75
N TYR A 197 7.97 29.13 -0.51
CA TYR A 197 8.05 27.94 -1.36
C TYR A 197 8.37 28.33 -2.78
N PHE A 198 8.96 27.39 -3.49
CA PHE A 198 9.13 27.51 -4.92
C PHE A 198 8.63 26.22 -5.49
N SER A 199 7.38 26.24 -5.94
CA SER A 199 6.79 25.09 -6.60
C SER A 199 7.44 25.03 -7.98
N MET A 200 7.10 24.01 -8.75
CA MET A 200 7.67 23.88 -10.09
C MET A 200 7.33 25.09 -10.94
N THR A 201 6.20 25.73 -10.66
CA THR A 201 5.81 26.93 -11.39
C THR A 201 6.85 28.04 -11.20
N GLU A 202 7.28 28.25 -9.96
CA GLU A 202 8.33 29.22 -9.66
C GLU A 202 9.66 28.85 -10.28
N VAL A 203 9.96 27.55 -10.34
CA VAL A 203 11.21 27.11 -10.93
C VAL A 203 11.19 27.44 -12.40
N ASP A 204 10.06 27.17 -13.04
CA ASP A 204 9.89 27.47 -14.46
C ASP A 204 10.02 28.96 -14.72
N ARG A 205 9.40 29.75 -13.87
CA ARG A 205 9.39 31.20 -14.01
C ARG A 205 10.78 31.79 -13.86
N LEU A 206 11.49 31.40 -12.81
CA LEU A 206 12.70 32.11 -12.41
C LEU A 206 14.00 31.46 -12.88
N GLY A 207 13.96 30.14 -13.03
CA GLY A 207 15.17 29.36 -13.24
C GLY A 207 15.70 28.91 -11.89
N ILE A 208 16.23 27.70 -11.82
CA ILE A 208 16.78 27.17 -10.57
C ILE A 208 17.88 28.08 -10.01
N GLY A 209 18.56 28.83 -10.87
CA GLY A 209 19.55 29.78 -10.39
C GLY A 209 18.97 30.82 -9.44
N LYS A 210 18.00 31.59 -9.93
CA LYS A 210 17.33 32.60 -9.14
C LYS A 210 16.68 31.95 -7.91
N VAL A 211 16.09 30.78 -8.12
CA VAL A 211 15.47 30.02 -7.05
C VAL A 211 16.40 29.79 -5.86
N MET A 212 17.63 29.36 -6.12
CA MET A 212 18.57 29.07 -5.05
C MET A 212 19.09 30.35 -4.44
N GLU A 213 19.23 31.38 -5.27
CA GLU A 213 19.63 32.68 -4.78
C GLU A 213 18.61 33.18 -3.75
N GLU A 214 17.35 33.11 -4.12
CA GLU A 214 16.26 33.57 -3.27
C GLU A 214 16.07 32.68 -2.07
N THR A 215 16.27 31.38 -2.24
CA THR A 215 16.14 30.47 -1.12
C THR A 215 17.20 30.74 -0.06
N LEU A 216 18.44 30.91 -0.49
CA LEU A 216 19.53 31.09 0.46
C LEU A 216 19.47 32.48 1.07
N SER A 217 19.02 33.46 0.29
CA SER A 217 18.88 34.81 0.81
C SER A 217 17.81 34.84 1.90
N TYR A 218 16.72 34.12 1.65
CA TYR A 218 15.60 34.03 2.58
C TYR A 218 16.01 33.42 3.91
N LEU A 219 16.84 32.39 3.88
CA LEU A 219 17.21 31.68 5.11
C LEU A 219 18.44 32.26 5.80
N LEU A 220 19.31 32.90 5.02
CA LEU A 220 20.63 33.30 5.51
C LEU A 220 20.86 34.81 5.53
N GLY A 221 19.91 35.56 5.01
CA GLY A 221 20.01 37.01 4.97
C GLY A 221 20.28 37.65 6.32
N ARG A 222 19.42 37.37 7.30
CA ARG A 222 19.57 37.94 8.64
C ARG A 222 20.90 37.55 9.27
N LYS A 223 21.18 36.25 9.31
CA LYS A 223 22.46 35.78 9.82
C LYS A 223 22.75 34.33 9.42
N LYS A 224 24.02 33.95 9.45
CA LYS A 224 24.41 32.57 9.20
C LYS A 224 23.78 31.68 10.25
N ARG A 225 23.47 30.46 9.86
CA ARG A 225 22.82 29.47 10.73
C ARG A 225 22.84 28.15 9.99
N PRO A 226 22.85 27.03 10.71
CA PRO A 226 23.04 25.73 10.07
C PRO A 226 21.90 25.40 9.11
N ILE A 227 22.20 24.63 8.07
CA ILE A 227 21.18 24.26 7.10
C ILE A 227 20.82 22.78 7.21
N HIS A 228 19.53 22.50 7.26
CA HIS A 228 19.08 21.13 7.18
C HIS A 228 18.39 20.92 5.86
N LEU A 229 18.93 20.00 5.05
CA LEU A 229 18.36 19.65 3.76
C LEU A 229 17.65 18.30 3.86
N SER A 230 16.32 18.33 3.74
CA SER A 230 15.54 17.10 3.70
C SER A 230 15.11 16.85 2.26
N PHE A 231 15.76 15.88 1.63
CA PHE A 231 15.59 15.65 0.21
C PHE A 231 14.77 14.39 -0.04
N ASP A 232 13.57 14.57 -0.57
CA ASP A 232 12.73 13.45 -0.98
C ASP A 232 13.09 13.23 -2.43
N VAL A 233 13.46 12.00 -2.79
CA VAL A 233 13.88 11.75 -4.17
C VAL A 233 12.77 11.98 -5.21
N ASP A 234 11.51 11.96 -4.79
CA ASP A 234 10.43 12.22 -5.74
C ASP A 234 10.31 13.71 -6.06
N GLY A 235 11.16 14.51 -5.42
CA GLY A 235 11.31 15.90 -5.82
C GLY A 235 11.82 15.99 -7.25
N LEU A 236 12.73 15.09 -7.61
CA LEU A 236 13.21 14.97 -8.98
C LEU A 236 12.21 14.21 -9.85
N ASP A 237 12.22 14.50 -11.13
CA ASP A 237 11.31 13.88 -12.07
C ASP A 237 11.49 12.36 -12.02
N PRO A 238 10.39 11.62 -12.21
CA PRO A 238 10.46 10.15 -12.23
C PRO A 238 11.42 9.60 -13.31
N SER A 239 11.74 10.40 -14.31
CA SER A 239 12.66 9.94 -15.33
C SER A 239 14.08 9.80 -14.76
N PHE A 240 14.30 10.36 -13.58
CA PHE A 240 15.60 10.24 -12.90
C PHE A 240 15.54 9.42 -11.62
N THR A 241 14.40 9.45 -10.95
CA THR A 241 14.20 8.66 -9.73
C THR A 241 12.86 7.95 -9.78
N PRO A 242 12.72 6.98 -10.70
CA PRO A 242 11.47 6.25 -10.88
C PRO A 242 11.12 5.35 -9.70
N ALA A 243 12.14 4.85 -9.03
CA ALA A 243 11.94 3.85 -7.99
C ALA A 243 11.62 4.54 -6.68
N THR A 244 10.44 5.10 -6.59
CA THR A 244 10.00 5.84 -5.42
C THR A 244 8.47 5.72 -5.32
N GLY A 245 7.94 5.86 -4.12
CA GLY A 245 6.55 5.51 -3.84
C GLY A 245 5.48 6.41 -4.43
N THR A 246 5.78 7.69 -4.58
CA THR A 246 4.76 8.63 -5.01
C THR A 246 5.26 9.55 -6.10
N PRO A 247 5.63 8.97 -7.26
CA PRO A 247 6.19 9.77 -8.35
C PRO A 247 5.16 10.75 -8.92
N VAL A 248 5.62 11.94 -9.31
CA VAL A 248 4.75 12.92 -9.96
C VAL A 248 5.51 13.53 -11.13
N VAL A 249 4.88 13.52 -12.31
CA VAL A 249 5.53 14.02 -13.53
C VAL A 249 5.86 15.50 -13.42
N GLY A 250 6.76 15.95 -14.30
CA GLY A 250 7.13 17.36 -14.40
C GLY A 250 8.02 17.81 -13.26
N GLY A 251 8.91 16.94 -12.83
CA GLY A 251 9.74 17.21 -11.66
C GLY A 251 11.01 17.97 -11.99
N LEU A 252 11.82 18.18 -10.95
CA LEU A 252 13.12 18.83 -11.12
C LEU A 252 14.03 17.91 -11.91
N THR A 253 14.92 18.49 -12.72
CA THR A 253 15.82 17.66 -13.50
C THR A 253 16.98 17.17 -12.65
N TYR A 254 17.70 16.18 -13.18
CA TYR A 254 18.97 15.75 -12.63
C TYR A 254 19.86 16.97 -12.41
N ARG A 255 20.01 17.77 -13.46
CA ARG A 255 20.79 19.00 -13.40
C ARG A 255 20.33 19.94 -12.29
N GLU A 256 19.03 20.22 -12.24
CA GLU A 256 18.52 21.09 -11.18
C GLU A 256 18.78 20.49 -9.79
N GLY A 257 18.67 19.17 -9.69
CA GLY A 257 19.00 18.49 -8.45
C GLY A 257 20.43 18.72 -8.01
N LEU A 258 21.37 18.55 -8.92
CA LEU A 258 22.79 18.79 -8.60
C LEU A 258 23.06 20.27 -8.34
N TYR A 259 22.32 21.15 -9.02
CA TYR A 259 22.49 22.58 -8.80
C TYR A 259 22.13 23.00 -7.39
N ILE A 260 20.94 22.60 -6.96
CA ILE A 260 20.47 22.87 -5.60
C ILE A 260 21.51 22.48 -4.56
N THR A 261 22.04 21.28 -4.70
CA THR A 261 22.93 20.72 -3.70
C THR A 261 24.33 21.29 -3.80
N GLU A 262 24.76 21.61 -5.02
CA GLU A 262 26.06 22.26 -5.22
C GLU A 262 26.05 23.64 -4.58
N GLU A 263 24.94 24.35 -4.73
CA GLU A 263 24.84 25.67 -4.13
C GLU A 263 24.79 25.59 -2.61
N ILE A 264 24.10 24.58 -2.09
CA ILE A 264 24.02 24.37 -0.65
C ILE A 264 25.39 24.02 -0.09
N TYR A 265 26.14 23.19 -0.80
CA TYR A 265 27.50 22.90 -0.37
C TYR A 265 28.33 24.19 -0.23
N LYS A 266 28.23 25.06 -1.23
CA LYS A 266 29.03 26.27 -1.28
C LYS A 266 28.82 27.22 -0.09
N THR A 267 27.68 27.11 0.59
CA THR A 267 27.41 27.95 1.76
C THR A 267 28.28 27.56 2.94
N GLY A 268 28.66 26.29 3.01
CA GLY A 268 29.49 25.81 4.09
C GLY A 268 28.70 25.72 5.39
N LEU A 269 27.37 25.77 5.25
CA LEU A 269 26.47 25.76 6.40
C LEU A 269 25.63 24.48 6.46
N LEU A 270 25.82 23.57 5.51
CA LEU A 270 25.10 22.30 5.57
C LEU A 270 25.43 21.59 6.88
N SER A 271 24.41 21.16 7.60
CA SER A 271 24.59 20.65 8.95
C SER A 271 23.88 19.31 9.09
N GLY A 272 22.77 19.17 8.39
CA GLY A 272 22.04 17.91 8.37
C GLY A 272 21.45 17.61 7.02
N LEU A 273 21.44 16.34 6.63
CA LEU A 273 20.92 15.96 5.32
C LEU A 273 20.09 14.69 5.44
N ASP A 274 18.97 14.66 4.70
CA ASP A 274 18.11 13.48 4.60
C ASP A 274 18.01 13.03 3.16
N ILE A 275 18.21 11.75 2.90
CA ILE A 275 18.00 11.25 1.54
C ILE A 275 16.95 10.17 1.59
N MET A 276 15.74 10.53 1.16
CA MET A 276 14.55 9.77 1.53
C MET A 276 13.71 9.24 0.37
N GLU A 277 12.96 8.18 0.68
CA GLU A 277 11.94 7.61 -0.18
C GLU A 277 12.47 6.82 -1.38
N VAL A 278 13.75 6.45 -1.35
CA VAL A 278 14.29 5.54 -2.35
C VAL A 278 13.73 4.13 -2.10
N ASN A 279 12.98 3.59 -3.06
CA ASN A 279 12.40 2.25 -2.88
C ASN A 279 12.65 1.33 -4.08
N PRO A 280 13.73 0.53 -4.00
CA PRO A 280 14.20 -0.34 -5.10
C PRO A 280 13.15 -1.36 -5.57
N SER A 281 12.23 -1.73 -4.68
CA SER A 281 11.15 -2.66 -5.02
C SER A 281 10.26 -2.10 -6.10
N LEU A 282 10.17 -0.78 -6.17
CA LEU A 282 9.25 -0.13 -7.09
C LEU A 282 9.86 0.15 -8.47
N GLY A 283 11.14 -0.21 -8.64
CA GLY A 283 11.76 -0.13 -9.95
C GLY A 283 11.17 -1.14 -10.93
N LYS A 284 10.72 -0.68 -12.08
CA LYS A 284 10.07 -1.52 -13.08
C LYS A 284 11.06 -2.49 -13.69
N THR A 285 12.33 -2.10 -13.65
CA THR A 285 13.40 -2.90 -14.23
C THR A 285 14.66 -2.71 -13.38
N PRO A 286 15.64 -3.59 -13.54
CA PRO A 286 16.91 -3.41 -12.83
C PRO A 286 17.54 -2.05 -13.10
N GLU A 287 17.37 -1.54 -14.32
CA GLU A 287 17.95 -0.26 -14.70
C GLU A 287 17.30 0.91 -13.97
N GLU A 288 16.00 0.81 -13.74
CA GLU A 288 15.30 1.86 -12.99
C GLU A 288 15.79 1.96 -11.57
N VAL A 289 16.13 0.81 -10.99
CA VAL A 289 16.67 0.80 -9.64
C VAL A 289 18.05 1.45 -9.63
N THR A 290 18.94 1.01 -10.50
CA THR A 290 20.28 1.63 -10.56
C THR A 290 20.19 3.11 -10.92
N ARG A 291 19.25 3.47 -11.78
CA ARG A 291 19.09 4.87 -12.16
C ARG A 291 18.73 5.69 -10.94
N THR A 292 17.79 5.20 -10.16
CA THR A 292 17.32 5.88 -8.96
C THR A 292 18.39 5.99 -7.89
N VAL A 293 19.09 4.88 -7.64
CA VAL A 293 20.15 4.83 -6.64
C VAL A 293 21.33 5.70 -7.07
N ASN A 294 21.70 5.63 -8.34
CA ASN A 294 22.81 6.41 -8.84
C ASN A 294 22.54 7.92 -8.72
N THR A 295 21.30 8.31 -9.01
CA THR A 295 20.92 9.71 -8.87
C THR A 295 20.98 10.11 -7.41
N ALA A 296 20.44 9.27 -6.53
CA ALA A 296 20.46 9.54 -5.09
C ALA A 296 21.90 9.72 -4.59
N VAL A 297 22.80 8.87 -5.06
CA VAL A 297 24.20 8.96 -4.68
C VAL A 297 24.83 10.27 -5.13
N ALA A 298 24.53 10.68 -6.37
CA ALA A 298 25.10 11.90 -6.95
C ALA A 298 24.66 13.16 -6.21
N ILE A 299 23.39 13.21 -5.83
CA ILE A 299 22.84 14.32 -5.07
C ILE A 299 23.59 14.41 -3.75
N THR A 300 23.84 13.24 -3.16
CA THR A 300 24.50 13.17 -1.87
C THR A 300 25.93 13.70 -1.95
N LEU A 301 26.68 13.24 -2.94
CA LEU A 301 28.06 13.68 -3.12
C LEU A 301 28.18 15.18 -3.36
N ALA A 302 27.25 15.75 -4.12
CA ALA A 302 27.24 17.19 -4.40
C ALA A 302 27.10 17.96 -3.09
N CYS A 303 26.29 17.44 -2.19
CA CYS A 303 26.08 18.06 -0.89
C CYS A 303 27.40 18.18 -0.12
N PHE A 304 28.33 17.28 -0.43
CA PHE A 304 29.60 17.23 0.28
C PHE A 304 30.79 17.64 -0.57
N GLY A 305 30.52 18.22 -1.73
CA GLY A 305 31.53 18.99 -2.44
C GLY A 305 31.84 18.58 -3.86
N LEU A 306 31.33 17.43 -4.27
CA LEU A 306 31.55 16.99 -5.64
C LEU A 306 30.92 18.01 -6.59
N ALA A 307 31.75 18.67 -7.40
CA ALA A 307 31.26 19.70 -8.33
C ALA A 307 31.43 19.32 -9.80
N ARG A 308 30.49 19.73 -10.62
CA ARG A 308 30.52 19.39 -12.04
C ARG A 308 31.68 20.02 -12.81
N GLU A 309 32.09 21.21 -12.38
CA GLU A 309 33.22 21.87 -13.02
C GLU A 309 34.52 21.15 -12.66
N GLY A 310 34.45 20.29 -11.63
CA GLY A 310 35.60 19.50 -11.21
C GLY A 310 36.13 19.85 -9.83
N ASN A 311 37.00 18.99 -9.30
CA ASN A 311 37.61 19.19 -7.98
C ASN A 311 39.09 18.92 -8.03
N HIS A 312 39.85 19.60 -7.17
CA HIS A 312 41.26 19.24 -6.99
C HIS A 312 41.79 19.57 -5.61
N LYS A 313 42.78 18.80 -5.20
CA LYS A 313 43.42 18.97 -3.89
C LYS A 313 44.29 20.20 -3.91
N PRO A 314 44.62 20.73 -2.72
CA PRO A 314 45.47 21.93 -2.68
C PRO A 314 46.94 21.57 -2.96
N ILE A 315 47.20 21.12 -4.17
CA ILE A 315 48.57 20.85 -4.59
C ILE A 315 48.82 21.33 -6.02
N ASP A 316 50.09 21.38 -6.40
CA ASP A 316 50.46 21.71 -7.76
C ASP A 316 50.34 20.43 -8.57
N TYR A 317 49.38 20.40 -9.48
CA TYR A 317 49.18 19.22 -10.32
C TYR A 317 50.14 19.15 -11.53
N LEU A 318 50.74 20.28 -11.87
CA LEU A 318 51.64 20.33 -13.04
C LEU A 318 53.11 20.14 -12.67
N ASN A 319 53.45 20.57 -11.46
CA ASN A 319 54.83 20.60 -11.00
C ASN A 319 55.84 21.06 -12.06
N ARG B 6 -33.92 -4.49 -1.26
CA ARG B 6 -32.66 -4.83 -1.92
C ARG B 6 -32.77 -6.16 -2.67
N THR B 7 -32.17 -6.23 -3.86
CA THR B 7 -32.43 -7.36 -4.77
C THR B 7 -31.20 -8.19 -5.06
N ILE B 8 -31.41 -9.44 -5.48
CA ILE B 8 -30.33 -10.42 -5.62
C ILE B 8 -30.30 -11.09 -6.99
N GLY B 9 -29.10 -11.29 -7.53
CA GLY B 9 -28.93 -11.97 -8.81
C GLY B 9 -27.98 -13.14 -8.73
N ILE B 10 -28.52 -14.36 -8.77
CA ILE B 10 -27.71 -15.56 -8.63
C ILE B 10 -27.16 -16.04 -9.96
N ILE B 11 -25.86 -16.33 -9.98
CA ILE B 11 -25.19 -16.83 -11.18
C ILE B 11 -24.41 -18.07 -10.82
N GLY B 12 -24.74 -19.19 -11.46
CA GLY B 12 -23.99 -20.41 -11.26
C GLY B 12 -22.78 -20.42 -12.17
N ALA B 13 -21.65 -20.84 -11.63
CA ALA B 13 -20.44 -20.99 -12.43
C ALA B 13 -19.75 -22.33 -12.14
N PRO B 14 -20.35 -23.42 -12.63
CA PRO B 14 -19.80 -24.77 -12.44
C PRO B 14 -18.52 -24.99 -13.25
N PHE B 15 -17.43 -24.38 -12.83
CA PHE B 15 -16.18 -24.43 -13.56
C PHE B 15 -15.02 -24.86 -12.65
N SER B 16 -14.11 -25.67 -13.17
CA SER B 16 -13.09 -26.30 -12.33
C SER B 16 -11.68 -26.25 -12.93
N LYS B 17 -11.52 -25.72 -14.13
CA LYS B 17 -10.23 -25.74 -14.80
C LYS B 17 -9.19 -24.82 -14.16
N GLY B 18 -9.60 -24.02 -13.17
CA GLY B 18 -8.64 -23.23 -12.42
C GLY B 18 -7.71 -24.10 -11.57
N GLN B 19 -8.06 -25.38 -11.45
CA GLN B 19 -7.30 -26.30 -10.59
C GLN B 19 -7.56 -27.79 -10.92
N PRO B 20 -6.80 -28.72 -10.30
CA PRO B 20 -6.78 -30.15 -10.65
C PRO B 20 -8.03 -31.00 -10.34
N ARG B 21 -8.69 -30.72 -9.22
CA ARG B 21 -9.76 -31.56 -8.71
C ARG B 21 -11.13 -31.17 -9.30
N GLY B 22 -11.81 -32.14 -9.89
CA GLY B 22 -13.00 -31.88 -10.68
C GLY B 22 -14.30 -31.49 -9.99
N GLY B 23 -14.47 -31.88 -8.74
CA GLY B 23 -15.76 -31.71 -8.08
C GLY B 23 -16.29 -30.30 -7.87
N VAL B 24 -15.41 -29.32 -7.86
CA VAL B 24 -15.84 -27.95 -7.60
C VAL B 24 -16.98 -27.47 -8.50
N GLU B 25 -17.12 -28.07 -9.68
CA GLU B 25 -18.17 -27.58 -10.57
C GLU B 25 -19.56 -28.02 -10.07
N GLU B 26 -19.57 -28.87 -9.05
CA GLU B 26 -20.82 -29.26 -8.39
C GLU B 26 -21.24 -28.21 -7.37
N GLY B 27 -20.38 -27.24 -7.12
CA GLY B 27 -20.66 -26.18 -6.17
C GLY B 27 -22.05 -25.60 -6.30
N PRO B 28 -22.38 -25.08 -7.49
CA PRO B 28 -23.70 -24.45 -7.64
C PRO B 28 -24.85 -25.42 -7.36
N THR B 29 -24.71 -26.67 -7.83
CA THR B 29 -25.76 -27.66 -7.65
C THR B 29 -26.08 -27.92 -6.18
N VAL B 30 -25.04 -28.18 -5.39
CA VAL B 30 -25.23 -28.53 -3.98
C VAL B 30 -25.68 -27.35 -3.13
N LEU B 31 -25.15 -26.16 -3.43
CA LEU B 31 -25.60 -24.95 -2.75
C LEU B 31 -27.08 -24.72 -2.99
N ARG B 32 -27.53 -24.90 -4.23
CA ARG B 32 -28.95 -24.74 -4.56
C ARG B 32 -29.85 -25.80 -3.94
N LYS B 33 -29.39 -27.06 -3.93
CA LYS B 33 -30.15 -28.13 -3.33
C LYS B 33 -30.33 -27.93 -1.83
N ALA B 34 -29.35 -27.31 -1.20
CA ALA B 34 -29.43 -27.06 0.24
C ALA B 34 -30.47 -25.99 0.58
N GLY B 35 -31.09 -25.40 -0.43
CA GLY B 35 -32.19 -24.48 -0.22
C GLY B 35 -31.83 -23.00 -0.27
N LEU B 36 -30.64 -22.70 -0.80
CA LEU B 36 -30.16 -21.32 -0.85
C LEU B 36 -31.22 -20.33 -1.32
N LEU B 37 -31.93 -20.67 -2.39
CA LEU B 37 -32.89 -19.75 -2.99
C LEU B 37 -34.09 -19.46 -2.09
N GLU B 38 -34.78 -20.50 -1.65
CA GLU B 38 -35.89 -20.31 -0.73
C GLU B 38 -35.42 -19.43 0.43
N LYS B 39 -34.31 -19.83 1.03
CA LYS B 39 -33.82 -19.18 2.25
C LYS B 39 -33.46 -17.71 2.05
N LEU B 40 -32.84 -17.40 0.92
CA LEU B 40 -32.60 -16.00 0.57
C LEU B 40 -33.91 -15.25 0.44
N LYS B 41 -34.89 -15.91 -0.16
CA LYS B 41 -36.19 -15.30 -0.38
C LYS B 41 -36.91 -15.07 0.93
N GLU B 42 -36.58 -15.86 1.94
CA GLU B 42 -37.19 -15.71 3.25
C GLU B 42 -36.74 -14.42 3.93
N GLN B 43 -35.63 -13.87 3.47
CA GLN B 43 -35.10 -12.63 4.01
C GLN B 43 -35.46 -11.47 3.13
N GLU B 44 -35.56 -10.29 3.74
CA GLU B 44 -35.77 -9.05 3.00
C GLU B 44 -35.11 -9.13 1.62
N CYS B 45 -35.92 -9.31 0.57
CA CYS B 45 -35.37 -9.62 -0.76
C CYS B 45 -36.30 -9.59 -1.98
N ASP B 46 -35.67 -9.75 -3.14
CA ASP B 46 -36.29 -10.06 -4.44
C ASP B 46 -35.19 -10.79 -5.19
N VAL B 47 -35.35 -12.10 -5.41
CA VAL B 47 -34.24 -12.95 -5.82
C VAL B 47 -34.41 -13.61 -7.20
N LYS B 48 -33.64 -13.17 -8.18
CA LYS B 48 -33.69 -13.77 -9.52
C LYS B 48 -32.51 -14.70 -9.79
N ASP B 49 -32.78 -15.89 -10.31
CA ASP B 49 -31.73 -16.85 -10.62
C ASP B 49 -31.44 -16.83 -12.11
N TYR B 50 -30.25 -16.37 -12.46
CA TYR B 50 -29.83 -16.29 -13.86
C TYR B 50 -29.29 -17.62 -14.39
N GLY B 51 -29.56 -18.70 -13.67
CA GLY B 51 -29.15 -20.03 -14.07
C GLY B 51 -27.66 -20.25 -13.96
N ASP B 52 -27.19 -21.37 -14.50
CA ASP B 52 -25.77 -21.67 -14.54
C ASP B 52 -25.21 -21.33 -15.91
N LEU B 53 -24.01 -20.74 -15.94
CA LEU B 53 -23.35 -20.45 -17.20
C LEU B 53 -22.90 -21.76 -17.82
N PRO B 54 -23.17 -21.93 -19.13
CA PRO B 54 -22.58 -23.05 -19.87
C PRO B 54 -21.15 -22.71 -20.30
N PHE B 55 -20.17 -23.48 -19.80
CA PHE B 55 -18.78 -23.25 -20.17
C PHE B 55 -18.33 -24.29 -21.18
N ALA B 56 -18.54 -23.99 -22.45
CA ALA B 56 -18.11 -24.89 -23.52
C ALA B 56 -16.61 -25.20 -23.41
N ASP B 57 -16.26 -26.47 -23.60
CA ASP B 57 -14.87 -26.90 -23.58
C ASP B 57 -14.09 -26.18 -24.65
N ILE B 58 -12.85 -25.81 -24.32
CA ILE B 58 -11.88 -25.42 -25.32
C ILE B 58 -10.97 -26.62 -25.53
N PRO B 59 -11.34 -27.49 -26.50
CA PRO B 59 -10.67 -28.78 -26.72
C PRO B 59 -9.17 -28.63 -26.95
N ASN B 60 -8.78 -27.66 -27.77
CA ASN B 60 -7.37 -27.33 -27.92
C ASN B 60 -6.98 -26.20 -26.97
N ASP B 61 -6.45 -26.57 -25.81
CA ASP B 61 -6.09 -25.61 -24.77
C ASP B 61 -4.77 -26.00 -24.13
N SER B 62 -3.69 -25.77 -24.88
CA SER B 62 -2.36 -26.13 -24.42
C SER B 62 -1.86 -25.13 -23.38
N PRO B 63 -0.98 -25.58 -22.48
CA PRO B 63 -0.43 -24.75 -21.41
C PRO B 63 0.29 -23.49 -21.89
N PHE B 64 0.13 -22.41 -21.12
CA PHE B 64 1.03 -21.27 -21.25
C PHE B 64 2.13 -21.51 -20.24
N GLN B 65 3.29 -21.95 -20.73
CA GLN B 65 4.38 -22.39 -19.87
C GLN B 65 3.89 -23.42 -18.86
N ILE B 66 3.89 -23.06 -17.59
CA ILE B 66 3.48 -23.99 -16.52
C ILE B 66 1.98 -23.91 -16.21
N VAL B 67 1.35 -22.81 -16.64
CA VAL B 67 -0.08 -22.58 -16.41
C VAL B 67 -1.01 -23.42 -17.29
N LYS B 68 -1.87 -24.19 -16.65
CA LYS B 68 -2.78 -25.11 -17.34
C LYS B 68 -4.15 -24.48 -17.62
N ASN B 69 -4.77 -24.89 -18.73
CA ASN B 69 -6.10 -24.42 -19.13
C ASN B 69 -6.27 -22.89 -19.20
N PRO B 70 -5.30 -22.19 -19.80
CA PRO B 70 -5.38 -20.73 -19.91
C PRO B 70 -6.62 -20.27 -20.65
N ARG B 71 -6.89 -20.88 -21.80
CA ARG B 71 -8.03 -20.47 -22.61
C ARG B 71 -9.36 -20.83 -21.94
N SER B 72 -9.40 -21.98 -21.30
CA SER B 72 -10.63 -22.43 -20.64
C SER B 72 -10.99 -21.53 -19.48
N VAL B 73 -10.00 -21.23 -18.64
CA VAL B 73 -10.17 -20.32 -17.50
C VAL B 73 -10.44 -18.89 -17.95
N GLY B 74 -9.69 -18.45 -18.94
CA GLY B 74 -9.87 -17.12 -19.50
C GLY B 74 -11.27 -16.95 -20.05
N LYS B 75 -11.76 -17.94 -20.78
CA LYS B 75 -13.08 -17.84 -21.39
C LYS B 75 -14.18 -17.85 -20.33
N ALA B 76 -14.06 -18.76 -19.38
CA ALA B 76 -14.99 -18.82 -18.25
C ALA B 76 -15.12 -17.46 -17.57
N SER B 77 -14.01 -16.88 -17.16
CA SER B 77 -14.04 -15.58 -16.51
C SER B 77 -14.59 -14.51 -17.42
N GLU B 78 -14.33 -14.62 -18.72
CA GLU B 78 -14.86 -13.62 -19.64
C GLU B 78 -16.38 -13.69 -19.71
N GLN B 79 -16.93 -14.89 -19.83
CA GLN B 79 -18.38 -15.09 -19.78
C GLN B 79 -18.95 -14.52 -18.48
N LEU B 80 -18.37 -14.95 -17.37
CA LEU B 80 -18.84 -14.55 -16.04
C LEU B 80 -18.91 -13.04 -15.90
N ALA B 81 -17.82 -12.37 -16.31
CA ALA B 81 -17.75 -10.92 -16.23
C ALA B 81 -18.96 -10.28 -16.91
N GLY B 82 -19.33 -10.81 -18.07
CA GLY B 82 -20.46 -10.27 -18.80
C GLY B 82 -21.76 -10.48 -18.08
N LYS B 83 -21.88 -11.62 -17.41
CA LYS B 83 -23.10 -11.95 -16.68
C LYS B 83 -23.24 -11.09 -15.43
N VAL B 84 -22.11 -10.75 -14.82
CA VAL B 84 -22.12 -9.94 -13.60
C VAL B 84 -22.45 -8.48 -13.93
N ALA B 85 -21.74 -7.91 -14.90
CA ALA B 85 -22.05 -6.58 -15.36
C ALA B 85 -23.55 -6.46 -15.64
N GLU B 86 -24.09 -7.46 -16.33
CA GLU B 86 -25.52 -7.52 -16.66
C GLU B 86 -26.40 -7.50 -15.41
N VAL B 87 -26.04 -8.31 -14.44
CA VAL B 87 -26.79 -8.40 -13.20
C VAL B 87 -26.69 -7.09 -12.45
N LYS B 88 -25.51 -6.48 -12.50
CA LYS B 88 -25.30 -5.18 -11.86
C LYS B 88 -26.16 -4.11 -12.53
N LYS B 89 -26.32 -4.22 -13.84
CA LYS B 89 -27.15 -3.28 -14.58
C LYS B 89 -28.62 -3.38 -14.16
N ASN B 90 -29.04 -4.59 -13.80
CA ASN B 90 -30.39 -4.82 -13.27
C ASN B 90 -30.59 -4.26 -11.87
N GLY B 91 -29.55 -3.59 -11.34
CA GLY B 91 -29.61 -3.00 -10.01
C GLY B 91 -29.44 -4.01 -8.89
N ARG B 92 -29.00 -5.22 -9.24
CA ARG B 92 -28.92 -6.32 -8.29
C ARG B 92 -27.52 -6.63 -7.78
N ILE B 93 -27.46 -7.07 -6.52
CA ILE B 93 -26.24 -7.62 -5.96
C ILE B 93 -25.94 -8.95 -6.63
N SER B 94 -24.75 -9.08 -7.21
CA SER B 94 -24.37 -10.33 -7.87
C SER B 94 -23.96 -11.39 -6.86
N LEU B 95 -24.47 -12.61 -7.06
CA LEU B 95 -24.15 -13.73 -6.18
C LEU B 95 -23.56 -14.86 -7.02
N VAL B 96 -22.23 -14.97 -7.04
CA VAL B 96 -21.55 -16.00 -7.81
C VAL B 96 -21.28 -17.25 -6.99
N LEU B 97 -21.78 -18.38 -7.48
CA LEU B 97 -21.54 -19.68 -6.83
C LEU B 97 -20.51 -20.44 -7.64
N GLY B 98 -19.33 -20.65 -7.06
CA GLY B 98 -18.27 -21.39 -7.73
C GLY B 98 -18.37 -22.87 -7.49
N GLY B 99 -17.50 -23.67 -8.10
CA GLY B 99 -16.48 -23.16 -9.01
C GLY B 99 -15.20 -22.79 -8.29
N ASP B 100 -14.08 -22.91 -8.99
CA ASP B 100 -12.79 -22.57 -8.41
C ASP B 100 -12.57 -21.06 -8.45
N HIS B 101 -11.68 -20.57 -7.59
CA HIS B 101 -11.52 -19.13 -7.38
C HIS B 101 -10.99 -18.35 -8.59
N SER B 102 -10.53 -19.05 -9.63
CA SER B 102 -10.05 -18.34 -10.81
C SER B 102 -11.18 -17.48 -11.37
N LEU B 103 -12.41 -17.90 -11.09
CA LEU B 103 -13.60 -17.20 -11.53
C LEU B 103 -13.68 -15.77 -10.98
N ALA B 104 -12.89 -15.48 -9.95
CA ALA B 104 -12.92 -14.14 -9.36
C ALA B 104 -12.46 -13.07 -10.36
N ILE B 105 -11.65 -13.47 -11.32
CA ILE B 105 -11.25 -12.54 -12.38
C ILE B 105 -12.50 -12.01 -13.06
N GLY B 106 -13.32 -12.93 -13.57
CA GLY B 106 -14.56 -12.57 -14.21
C GLY B 106 -15.47 -11.80 -13.28
N SER B 107 -15.67 -12.32 -12.08
CA SER B 107 -16.64 -11.73 -11.15
C SER B 107 -16.35 -10.26 -10.88
N ILE B 108 -15.10 -9.97 -10.50
CA ILE B 108 -14.70 -8.64 -10.11
C ILE B 108 -14.58 -7.75 -11.33
N SER B 109 -14.07 -8.30 -12.43
CA SER B 109 -13.97 -7.54 -13.69
C SER B 109 -15.33 -7.03 -14.13
N GLY B 110 -16.30 -7.94 -14.22
CA GLY B 110 -17.64 -7.59 -14.63
C GLY B 110 -18.27 -6.61 -13.66
N HIS B 111 -18.02 -6.82 -12.37
CA HIS B 111 -18.54 -5.92 -11.36
C HIS B 111 -17.99 -4.51 -11.57
N ALA B 112 -16.68 -4.40 -11.75
CA ALA B 112 -16.00 -3.11 -11.89
C ALA B 112 -16.41 -2.34 -13.15
N ARG B 113 -16.97 -3.04 -14.12
CA ARG B 113 -17.44 -2.41 -15.35
C ARG B 113 -18.58 -1.46 -15.05
N VAL B 114 -19.38 -1.78 -14.03
CA VAL B 114 -20.53 -0.96 -13.67
C VAL B 114 -20.23 -0.07 -12.45
N HIS B 115 -19.44 -0.60 -11.53
CA HIS B 115 -19.02 0.15 -10.35
C HIS B 115 -17.51 0.07 -10.19
N PRO B 116 -16.79 0.93 -10.93
CA PRO B 116 -15.33 0.89 -10.94
C PRO B 116 -14.74 1.37 -9.62
N ASP B 117 -15.57 1.94 -8.75
CA ASP B 117 -15.08 2.44 -7.46
C ASP B 117 -15.11 1.39 -6.34
N LEU B 118 -15.47 0.15 -6.68
CA LEU B 118 -15.66 -0.89 -5.67
C LEU B 118 -14.38 -1.21 -4.90
N GLY B 119 -14.55 -1.66 -3.66
CA GLY B 119 -13.46 -2.14 -2.84
C GLY B 119 -13.62 -3.64 -2.65
N VAL B 120 -12.52 -4.35 -2.48
CA VAL B 120 -12.58 -5.81 -2.40
C VAL B 120 -12.23 -6.32 -1.01
N ILE B 121 -13.03 -7.24 -0.48
CA ILE B 121 -12.64 -8.02 0.68
C ILE B 121 -12.44 -9.47 0.24
N TRP B 122 -11.23 -9.97 0.43
CA TRP B 122 -10.83 -11.29 -0.01
C TRP B 122 -10.62 -12.16 1.22
N VAL B 123 -11.52 -13.11 1.45
CA VAL B 123 -11.42 -13.97 2.62
C VAL B 123 -10.92 -15.32 2.18
N ASP B 124 -9.79 -15.76 2.75
CA ASP B 124 -9.04 -16.84 2.13
C ASP B 124 -7.86 -17.21 3.01
N ALA B 125 -7.47 -18.47 2.99
CA ALA B 125 -6.23 -18.88 3.62
C ALA B 125 -5.08 -18.43 2.72
N HIS B 126 -5.41 -18.14 1.47
CA HIS B 126 -4.41 -17.88 0.41
C HIS B 126 -4.57 -16.50 -0.21
N THR B 127 -3.47 -15.92 -0.68
CA THR B 127 -3.52 -14.60 -1.29
C THR B 127 -3.89 -14.63 -2.77
N ASP B 128 -3.75 -15.80 -3.40
CA ASP B 128 -4.16 -15.95 -4.80
C ASP B 128 -3.60 -14.83 -5.67
N ILE B 129 -2.34 -14.46 -5.43
CA ILE B 129 -1.73 -13.33 -6.09
C ILE B 129 -0.46 -13.74 -6.85
N ASN B 130 -0.29 -15.04 -7.07
CA ASN B 130 0.75 -15.48 -7.98
C ASN B 130 0.44 -14.99 -9.37
N THR B 131 1.49 -14.73 -10.15
CA THR B 131 1.32 -14.32 -11.54
C THR B 131 1.56 -15.54 -12.39
N PRO B 132 1.31 -15.42 -13.70
CA PRO B 132 1.57 -16.59 -14.53
C PRO B 132 3.06 -16.94 -14.52
N LEU B 133 3.90 -15.99 -14.12
CA LEU B 133 5.35 -16.19 -14.10
C LEU B 133 5.93 -16.42 -12.71
N THR B 134 5.11 -16.33 -11.67
CA THR B 134 5.57 -16.64 -10.31
C THR B 134 5.00 -17.95 -9.78
N THR B 135 3.84 -18.35 -10.31
CA THR B 135 3.18 -19.58 -9.91
C THR B 135 4.16 -20.76 -9.93
N THR B 136 4.01 -21.67 -8.98
CA THR B 136 4.78 -22.90 -8.98
C THR B 136 3.87 -24.07 -9.33
N SER B 137 2.61 -23.99 -8.92
CA SER B 137 1.65 -25.04 -9.19
C SER B 137 1.15 -24.95 -10.62
N GLY B 138 1.04 -23.73 -11.13
CA GLY B 138 0.50 -23.49 -12.45
C GLY B 138 -1.02 -23.55 -12.51
N ASN B 139 -1.65 -23.58 -11.35
CA ASN B 139 -3.11 -23.56 -11.27
C ASN B 139 -3.64 -22.13 -11.16
N LEU B 140 -4.54 -21.77 -12.07
CA LEU B 140 -5.02 -20.39 -12.17
C LEU B 140 -5.86 -19.89 -10.99
N HIS B 141 -6.35 -20.82 -10.16
CA HIS B 141 -7.14 -20.42 -8.99
C HIS B 141 -6.25 -19.80 -7.93
N GLY B 142 -4.94 -19.85 -8.14
CA GLY B 142 -3.99 -19.22 -7.23
C GLY B 142 -3.40 -17.94 -7.80
N GLN B 143 -4.03 -17.39 -8.84
CA GLN B 143 -3.53 -16.20 -9.52
C GLN B 143 -4.54 -15.09 -9.76
N PRO B 144 -5.82 -15.28 -9.39
CA PRO B 144 -6.82 -14.34 -9.90
C PRO B 144 -6.47 -12.89 -9.58
N VAL B 145 -5.98 -12.63 -8.36
CA VAL B 145 -5.74 -11.26 -7.93
C VAL B 145 -4.65 -10.54 -8.75
N SER B 146 -3.69 -11.27 -9.28
CA SER B 146 -2.65 -10.64 -10.09
C SER B 146 -3.23 -10.05 -11.38
N PHE B 147 -4.16 -10.75 -12.02
CA PHE B 147 -4.82 -10.25 -13.22
C PHE B 147 -5.66 -9.01 -12.94
N LEU B 148 -6.05 -8.82 -11.68
CA LEU B 148 -6.94 -7.73 -11.29
C LEU B 148 -6.22 -6.45 -10.88
N LEU B 149 -5.06 -6.58 -10.26
CA LEU B 149 -4.36 -5.40 -9.74
C LEU B 149 -3.75 -4.54 -10.84
N LYS B 150 -4.09 -3.26 -10.85
CA LYS B 150 -3.49 -2.30 -11.76
C LYS B 150 -1.98 -2.24 -11.58
N GLU B 151 -1.52 -2.35 -10.34
CA GLU B 151 -0.11 -2.23 -10.02
C GLU B 151 0.72 -3.38 -10.58
N LEU B 152 0.08 -4.50 -10.88
CA LEU B 152 0.81 -5.68 -11.30
C LEU B 152 0.88 -5.80 -12.82
N LYS B 153 0.21 -4.88 -13.51
CA LYS B 153 0.19 -4.86 -14.96
C LYS B 153 1.61 -4.54 -15.46
N GLY B 154 2.14 -5.40 -16.31
CA GLY B 154 3.52 -5.26 -16.73
C GLY B 154 4.32 -6.43 -16.19
N LYS B 155 3.70 -7.15 -15.26
CA LYS B 155 4.28 -8.39 -14.76
C LYS B 155 3.40 -9.56 -15.20
N ILE B 156 2.26 -9.23 -15.79
CA ILE B 156 1.34 -10.23 -16.33
C ILE B 156 1.57 -10.41 -17.83
N PRO B 157 2.19 -11.54 -18.22
CA PRO B 157 2.42 -11.78 -19.65
C PRO B 157 1.10 -11.85 -20.39
N ASP B 158 1.15 -11.76 -21.71
CA ASP B 158 -0.03 -12.01 -22.51
C ASP B 158 -0.25 -13.52 -22.56
N VAL B 159 -1.22 -13.98 -21.78
CA VAL B 159 -1.55 -15.39 -21.72
C VAL B 159 -2.82 -15.61 -22.51
N PRO B 160 -2.85 -16.66 -23.34
CA PRO B 160 -4.02 -16.91 -24.18
C PRO B 160 -5.26 -17.11 -23.32
N GLY B 161 -6.32 -16.39 -23.65
CA GLY B 161 -7.55 -16.43 -22.87
C GLY B 161 -7.84 -15.13 -22.13
N PHE B 162 -6.82 -14.29 -21.97
CA PHE B 162 -6.94 -13.14 -21.08
C PHE B 162 -6.74 -11.75 -21.69
N SER B 163 -6.79 -11.65 -23.00
CA SER B 163 -6.55 -10.35 -23.63
C SER B 163 -7.70 -9.40 -23.33
N TRP B 164 -8.86 -9.96 -22.99
CA TRP B 164 -10.04 -9.14 -22.72
C TRP B 164 -9.89 -8.38 -21.42
N VAL B 165 -8.91 -8.80 -20.61
CA VAL B 165 -8.77 -8.30 -19.25
C VAL B 165 -8.03 -6.97 -19.09
N THR B 166 -8.74 -6.01 -18.53
CA THR B 166 -8.13 -4.78 -18.05
C THR B 166 -8.13 -4.86 -16.53
N PRO B 167 -6.95 -4.71 -15.90
CA PRO B 167 -6.83 -4.73 -14.45
C PRO B 167 -7.50 -3.51 -13.85
N CYS B 168 -8.57 -3.72 -13.09
CA CYS B 168 -9.41 -2.59 -12.65
C CYS B 168 -9.43 -2.34 -11.15
N ILE B 169 -8.64 -3.11 -10.40
CA ILE B 169 -8.53 -2.89 -8.97
C ILE B 169 -7.14 -2.41 -8.58
N SER B 170 -7.08 -1.30 -7.85
CA SER B 170 -5.80 -0.79 -7.37
C SER B 170 -5.41 -1.49 -6.07
N ALA B 171 -4.11 -1.60 -5.83
CA ALA B 171 -3.61 -2.29 -4.64
C ALA B 171 -4.19 -1.76 -3.32
N LYS B 172 -4.51 -0.47 -3.31
CA LYS B 172 -5.00 0.16 -2.08
C LYS B 172 -6.48 -0.10 -1.83
N ASP B 173 -7.12 -0.87 -2.70
CA ASP B 173 -8.57 -1.06 -2.63
C ASP B 173 -9.00 -2.50 -2.39
N ILE B 174 -8.08 -3.29 -1.86
CA ILE B 174 -8.39 -4.66 -1.49
C ILE B 174 -7.85 -4.95 -0.09
N VAL B 175 -8.63 -5.70 0.67
CA VAL B 175 -8.22 -6.15 2.01
C VAL B 175 -8.35 -7.67 2.09
N TYR B 176 -7.29 -8.34 2.52
CA TYR B 176 -7.34 -9.76 2.80
C TYR B 176 -7.69 -10.04 4.26
N ILE B 177 -8.43 -11.12 4.48
CA ILE B 177 -8.66 -11.63 5.83
C ILE B 177 -8.54 -13.16 5.84
N GLY B 178 -7.68 -13.69 6.72
CA GLY B 178 -7.63 -15.13 6.92
C GLY B 178 -6.34 -15.84 6.53
N LEU B 179 -5.42 -15.07 5.94
CA LEU B 179 -4.20 -15.63 5.34
C LEU B 179 -3.40 -16.52 6.29
N ARG B 180 -2.98 -17.67 5.78
CA ARG B 180 -2.12 -18.57 6.55
C ARG B 180 -1.24 -19.49 5.69
N ASP B 181 -1.37 -19.44 4.38
CA ASP B 181 -0.45 -20.16 3.50
C ASP B 181 -0.17 -19.31 2.27
N VAL B 182 0.77 -18.39 2.43
CA VAL B 182 1.15 -17.45 1.39
C VAL B 182 2.54 -17.83 0.86
N ASP B 183 2.66 -17.91 -0.47
CA ASP B 183 3.92 -18.32 -1.11
C ASP B 183 4.97 -17.22 -0.96
N PRO B 184 6.27 -17.61 -0.97
CA PRO B 184 7.36 -16.63 -0.86
C PRO B 184 7.18 -15.45 -1.82
N GLY B 185 6.87 -15.74 -3.08
CA GLY B 185 6.69 -14.70 -4.08
C GLY B 185 5.48 -13.84 -3.81
N GLU B 186 4.43 -14.46 -3.29
CA GLU B 186 3.22 -13.73 -2.94
C GLU B 186 3.51 -12.80 -1.77
N HIS B 187 4.24 -13.30 -0.78
CA HIS B 187 4.59 -12.46 0.36
C HIS B 187 5.32 -11.21 -0.12
N TYR B 188 6.26 -11.39 -1.04
CA TYR B 188 7.02 -10.26 -1.57
C TYR B 188 6.09 -9.24 -2.23
N ILE B 189 5.12 -9.71 -3.00
CA ILE B 189 4.15 -8.81 -3.60
C ILE B 189 3.28 -8.10 -2.55
N LEU B 190 2.79 -8.84 -1.55
CA LEU B 190 2.02 -8.23 -0.46
C LEU B 190 2.72 -7.02 0.13
N LYS B 191 3.94 -7.24 0.61
CA LYS B 191 4.72 -6.21 1.32
C LYS B 191 5.14 -5.08 0.40
N THR B 192 5.64 -5.44 -0.76
CA THR B 192 6.11 -4.48 -1.76
C THR B 192 5.04 -3.49 -2.18
N LEU B 193 3.90 -4.02 -2.62
CA LEU B 193 2.78 -3.19 -3.06
C LEU B 193 1.96 -2.63 -1.90
N GLY B 194 2.20 -3.14 -0.70
CA GLY B 194 1.53 -2.61 0.47
C GLY B 194 0.04 -2.86 0.47
N ILE B 195 -0.36 -4.09 0.15
CA ILE B 195 -1.75 -4.48 0.14
C ILE B 195 -2.20 -4.77 1.56
N LYS B 196 -3.37 -4.26 1.94
CA LYS B 196 -3.85 -4.40 3.32
C LYS B 196 -4.26 -5.83 3.61
N TYR B 197 -3.72 -6.41 4.67
CA TYR B 197 -4.07 -7.78 5.03
C TYR B 197 -4.24 -7.98 6.52
N PHE B 198 -5.11 -8.90 6.85
CA PHE B 198 -5.21 -9.41 8.21
C PHE B 198 -5.01 -10.92 8.13
N SER B 199 -3.77 -11.37 8.32
CA SER B 199 -3.50 -12.81 8.36
C SER B 199 -4.07 -13.37 9.66
N MET B 200 -4.01 -14.69 9.84
CA MET B 200 -4.53 -15.26 11.06
C MET B 200 -3.85 -14.67 12.28
N THR B 201 -2.58 -14.29 12.12
CA THR B 201 -1.81 -13.63 13.16
C THR B 201 -2.50 -12.35 13.63
N GLU B 202 -2.91 -11.52 12.67
CA GLU B 202 -3.64 -10.28 13.00
C GLU B 202 -5.05 -10.53 13.58
N VAL B 203 -5.70 -11.60 13.13
CA VAL B 203 -7.01 -11.97 13.68
C VAL B 203 -6.82 -12.39 15.13
N ASP B 204 -5.77 -13.15 15.39
CA ASP B 204 -5.47 -13.57 16.76
C ASP B 204 -5.13 -12.37 17.64
N ARG B 205 -4.35 -11.45 17.10
CA ARG B 205 -3.94 -10.25 17.81
C ARG B 205 -5.11 -9.34 18.16
N LEU B 206 -5.90 -9.02 17.14
CA LEU B 206 -6.95 -8.02 17.28
C LEU B 206 -8.32 -8.55 17.71
N GLY B 207 -8.61 -9.82 17.46
CA GLY B 207 -9.96 -10.30 17.57
C GLY B 207 -10.68 -9.96 16.27
N ILE B 208 -11.61 -10.79 15.85
CA ILE B 208 -12.32 -10.56 14.58
C ILE B 208 -13.11 -9.25 14.61
N GLY B 209 -13.52 -8.80 15.79
CA GLY B 209 -14.21 -7.53 15.91
C GLY B 209 -13.40 -6.36 15.41
N LYS B 210 -12.18 -6.23 15.92
CA LYS B 210 -11.30 -5.14 15.53
C LYS B 210 -10.85 -5.31 14.08
N VAL B 211 -10.72 -6.54 13.63
CA VAL B 211 -10.36 -6.80 12.25
C VAL B 211 -11.39 -6.19 11.31
N MET B 212 -12.67 -6.38 11.62
CA MET B 212 -13.74 -5.86 10.76
C MET B 212 -13.87 -4.34 10.84
N GLU B 213 -13.75 -3.79 12.02
CA GLU B 213 -13.77 -2.34 12.19
C GLU B 213 -12.65 -1.70 11.36
N GLU B 214 -11.44 -2.22 11.48
CA GLU B 214 -10.30 -1.64 10.77
C GLU B 214 -10.38 -1.88 9.26
N THR B 215 -10.87 -3.06 8.88
CA THR B 215 -11.07 -3.38 7.47
C THR B 215 -12.01 -2.39 6.81
N LEU B 216 -13.18 -2.19 7.41
CA LEU B 216 -14.20 -1.34 6.81
C LEU B 216 -13.82 0.13 6.84
N SER B 217 -13.10 0.53 7.88
CA SER B 217 -12.55 1.88 7.95
C SER B 217 -11.49 2.09 6.87
N TYR B 218 -10.69 1.05 6.61
CA TYR B 218 -9.66 1.13 5.56
C TYR B 218 -10.29 1.24 4.18
N LEU B 219 -11.40 0.55 3.96
CA LEU B 219 -12.06 0.56 2.66
C LEU B 219 -13.07 1.68 2.46
N LEU B 220 -13.72 2.12 3.53
CA LEU B 220 -14.88 2.99 3.39
C LEU B 220 -14.70 4.35 4.07
N GLY B 221 -13.54 4.55 4.69
CA GLY B 221 -13.26 5.78 5.41
C GLY B 221 -13.28 7.00 4.51
N ARG B 222 -12.55 6.92 3.40
CA ARG B 222 -12.52 7.99 2.40
C ARG B 222 -13.91 8.35 1.90
N LYS B 223 -14.61 7.36 1.36
CA LYS B 223 -15.99 7.52 0.96
C LYS B 223 -16.69 6.16 0.94
N LYS B 224 -18.01 6.18 0.99
CA LYS B 224 -18.79 4.97 0.87
C LYS B 224 -18.79 4.52 -0.58
N ARG B 225 -18.36 3.30 -0.83
CA ARG B 225 -18.29 2.76 -2.17
C ARG B 225 -18.69 1.29 -2.13
N PRO B 226 -19.04 0.71 -3.30
CA PRO B 226 -19.56 -0.66 -3.34
C PRO B 226 -18.54 -1.67 -2.87
N ILE B 227 -19.01 -2.71 -2.22
CA ILE B 227 -18.11 -3.74 -1.71
C ILE B 227 -18.29 -5.08 -2.44
N HIS B 228 -17.17 -5.64 -2.87
CA HIS B 228 -17.17 -6.98 -3.44
C HIS B 228 -16.53 -7.92 -2.42
N LEU B 229 -17.29 -8.91 -1.96
CA LEU B 229 -16.74 -9.92 -1.06
C LEU B 229 -16.46 -11.20 -1.83
N SER B 230 -15.19 -11.56 -1.91
CA SER B 230 -14.81 -12.82 -2.54
C SER B 230 -14.41 -13.83 -1.47
N PHE B 231 -15.27 -14.80 -1.23
CA PHE B 231 -15.11 -15.72 -0.12
C PHE B 231 -14.67 -17.13 -0.56
N ASP B 232 -13.41 -17.46 -0.30
CA ASP B 232 -12.92 -18.83 -0.45
C ASP B 232 -13.27 -19.57 0.84
N VAL B 233 -14.02 -20.66 0.72
CA VAL B 233 -14.45 -21.42 1.90
C VAL B 233 -13.25 -21.98 2.68
N ASP B 234 -12.09 -22.07 2.04
CA ASP B 234 -10.91 -22.54 2.77
C ASP B 234 -10.32 -21.48 3.70
N GLY B 235 -10.92 -20.29 3.68
CA GLY B 235 -10.56 -19.26 4.65
C GLY B 235 -10.93 -19.70 6.06
N LEU B 236 -12.02 -20.47 6.17
CA LEU B 236 -12.46 -21.02 7.44
C LEU B 236 -11.73 -22.35 7.72
N ASP B 237 -11.58 -22.68 9.00
CA ASP B 237 -10.84 -23.87 9.40
C ASP B 237 -11.44 -25.11 8.77
N PRO B 238 -10.60 -26.13 8.51
CA PRO B 238 -11.07 -27.37 7.87
C PRO B 238 -12.05 -28.14 8.73
N SER B 239 -12.19 -27.75 9.99
CA SER B 239 -13.14 -28.43 10.88
C SER B 239 -14.56 -27.92 10.62
N PHE B 240 -14.66 -26.86 9.81
CA PHE B 240 -15.96 -26.29 9.45
C PHE B 240 -16.23 -26.46 7.95
N THR B 241 -15.19 -26.34 7.13
CA THR B 241 -15.32 -26.45 5.69
C THR B 241 -14.33 -27.45 5.11
N PRO B 242 -14.39 -28.71 5.55
CA PRO B 242 -13.43 -29.75 5.15
C PRO B 242 -13.45 -30.08 3.65
N ALA B 243 -14.61 -29.95 3.03
CA ALA B 243 -14.76 -30.32 1.63
C ALA B 243 -14.34 -29.18 0.69
N THR B 244 -13.03 -28.95 0.61
CA THR B 244 -12.48 -27.93 -0.26
C THR B 244 -11.10 -28.44 -0.70
N GLY B 245 -10.56 -27.90 -1.80
CA GLY B 245 -9.36 -28.46 -2.39
C GLY B 245 -8.05 -28.23 -1.65
N THR B 246 -7.92 -27.08 -0.99
CA THR B 246 -6.66 -26.70 -0.36
C THR B 246 -6.86 -26.21 1.07
N PRO B 247 -7.24 -27.14 1.97
CA PRO B 247 -7.53 -26.79 3.37
C PRO B 247 -6.24 -26.54 4.17
N VAL B 248 -6.27 -25.53 5.04
CA VAL B 248 -5.14 -25.19 5.90
C VAL B 248 -5.60 -25.08 7.37
N VAL B 249 -4.92 -25.78 8.26
CA VAL B 249 -5.28 -25.77 9.66
C VAL B 249 -5.08 -24.39 10.26
N GLY B 250 -5.76 -24.12 11.38
CA GLY B 250 -5.66 -22.85 12.08
C GLY B 250 -6.45 -21.71 11.44
N GLY B 251 -7.56 -22.06 10.80
CA GLY B 251 -8.36 -21.08 10.08
C GLY B 251 -9.41 -20.31 10.89
N LEU B 252 -10.27 -19.59 10.20
CA LEU B 252 -11.30 -18.81 10.84
C LEU B 252 -12.35 -19.76 11.37
N THR B 253 -12.98 -19.41 12.49
CA THR B 253 -14.01 -20.27 13.06
C THR B 253 -15.34 -19.97 12.38
N TYR B 254 -16.33 -20.82 12.63
CA TYR B 254 -17.68 -20.61 12.13
C TYR B 254 -18.19 -19.24 12.58
N ARG B 255 -18.06 -18.97 13.87
CA ARG B 255 -18.41 -17.67 14.44
C ARG B 255 -17.76 -16.51 13.71
N GLU B 256 -16.46 -16.60 13.46
CA GLU B 256 -15.74 -15.53 12.78
C GLU B 256 -16.22 -15.38 11.35
N GLY B 257 -16.52 -16.49 10.69
CA GLY B 257 -17.10 -16.45 9.35
C GLY B 257 -18.40 -15.68 9.34
N LEU B 258 -19.28 -16.03 10.28
CA LEU B 258 -20.57 -15.35 10.41
C LEU B 258 -20.42 -13.89 10.83
N TYR B 259 -19.44 -13.59 11.68
CA TYR B 259 -19.25 -12.20 12.09
C TYR B 259 -18.84 -11.30 10.91
N ILE B 260 -17.87 -11.78 10.12
CA ILE B 260 -17.38 -11.04 8.97
C ILE B 260 -18.53 -10.64 8.05
N THR B 261 -19.37 -11.60 7.74
CA THR B 261 -20.46 -11.39 6.79
C THR B 261 -21.62 -10.60 7.40
N GLU B 262 -21.85 -10.76 8.71
CA GLU B 262 -22.80 -9.91 9.41
C GLU B 262 -22.42 -8.43 9.38
N GLU B 263 -21.15 -8.12 9.61
CA GLU B 263 -20.67 -6.74 9.55
C GLU B 263 -20.77 -6.16 8.14
N ILE B 264 -20.47 -6.97 7.13
CA ILE B 264 -20.52 -6.49 5.76
C ILE B 264 -21.97 -6.18 5.37
N TYR B 265 -22.91 -7.01 5.81
CA TYR B 265 -24.32 -6.70 5.58
C TYR B 265 -24.68 -5.31 6.09
N LYS B 266 -24.23 -4.99 7.30
CA LYS B 266 -24.63 -3.76 7.99
C LYS B 266 -24.03 -2.46 7.43
N THR B 267 -23.05 -2.59 6.54
CA THR B 267 -22.53 -1.41 5.85
C THR B 267 -23.52 -0.96 4.82
N GLY B 268 -24.33 -1.91 4.34
CA GLY B 268 -25.33 -1.64 3.34
C GLY B 268 -24.72 -1.40 1.97
N LEU B 269 -23.44 -1.72 1.84
CA LEU B 269 -22.70 -1.49 0.61
C LEU B 269 -22.36 -2.76 -0.18
N LEU B 270 -22.75 -3.93 0.32
CA LEU B 270 -22.47 -5.18 -0.37
C LEU B 270 -22.97 -5.08 -1.80
N SER B 271 -22.08 -5.27 -2.76
CA SER B 271 -22.39 -5.04 -4.18
C SER B 271 -22.17 -6.30 -5.02
N GLY B 272 -21.27 -7.16 -4.58
CA GLY B 272 -21.02 -8.42 -5.25
C GLY B 272 -20.49 -9.42 -4.25
N LEU B 273 -20.79 -10.70 -4.45
CA LEU B 273 -20.33 -11.74 -3.53
C LEU B 273 -19.95 -12.98 -4.30
N ASP B 274 -18.80 -13.57 -3.97
CA ASP B 274 -18.41 -14.86 -4.51
C ASP B 274 -18.36 -15.91 -3.39
N ILE B 275 -18.96 -17.06 -3.63
CA ILE B 275 -18.82 -18.20 -2.72
C ILE B 275 -18.08 -19.32 -3.46
N MET B 276 -16.78 -19.48 -3.19
CA MET B 276 -15.94 -20.32 -4.03
C MET B 276 -15.29 -21.52 -3.34
N GLU B 277 -14.86 -22.47 -4.16
CA GLU B 277 -14.02 -23.59 -3.74
C GLU B 277 -14.72 -24.65 -2.87
N VAL B 278 -16.05 -24.65 -2.86
CA VAL B 278 -16.78 -25.78 -2.29
C VAL B 278 -16.68 -26.98 -3.25
N ASN B 279 -16.08 -28.06 -2.76
CA ASN B 279 -15.93 -29.26 -3.56
C ASN B 279 -16.47 -30.48 -2.82
N PRO B 280 -17.76 -30.80 -3.03
CA PRO B 280 -18.40 -31.90 -2.32
C PRO B 280 -17.65 -33.23 -2.49
N SER B 281 -17.08 -33.45 -3.67
CA SER B 281 -16.41 -34.73 -3.93
C SER B 281 -15.18 -34.98 -3.04
N LEU B 282 -14.84 -34.00 -2.19
CA LEU B 282 -13.62 -34.09 -1.38
C LEU B 282 -13.85 -34.37 0.11
N GLY B 283 -15.10 -34.30 0.55
CA GLY B 283 -15.40 -34.65 1.93
C GLY B 283 -15.19 -36.14 2.13
N LYS B 284 -14.64 -36.51 3.27
CA LYS B 284 -14.36 -37.91 3.54
C LYS B 284 -15.63 -38.66 3.90
N THR B 285 -16.62 -37.94 4.40
CA THR B 285 -17.91 -38.50 4.76
C THR B 285 -19.03 -37.62 4.20
N PRO B 286 -20.24 -38.17 4.09
CA PRO B 286 -21.37 -37.36 3.64
C PRO B 286 -21.66 -36.23 4.62
N GLU B 287 -21.29 -36.43 5.88
CA GLU B 287 -21.46 -35.38 6.87
C GLU B 287 -20.45 -34.24 6.67
N GLU B 288 -19.22 -34.58 6.31
CA GLU B 288 -18.25 -33.54 5.99
C GLU B 288 -18.75 -32.67 4.85
N VAL B 289 -19.54 -33.28 3.96
CA VAL B 289 -20.12 -32.56 2.84
C VAL B 289 -21.17 -31.57 3.32
N THR B 290 -22.15 -32.06 4.06
CA THR B 290 -23.22 -31.19 4.57
C THR B 290 -22.68 -30.13 5.52
N ARG B 291 -21.60 -30.44 6.25
CA ARG B 291 -21.00 -29.47 7.16
C ARG B 291 -20.49 -28.28 6.36
N THR B 292 -19.87 -28.58 5.22
CA THR B 292 -19.26 -27.56 4.38
C THR B 292 -20.32 -26.72 3.66
N VAL B 293 -21.28 -27.40 3.03
CA VAL B 293 -22.33 -26.73 2.29
C VAL B 293 -23.16 -25.87 3.24
N ASN B 294 -23.53 -26.45 4.38
CA ASN B 294 -24.37 -25.76 5.35
C ASN B 294 -23.69 -24.51 5.87
N THR B 295 -22.40 -24.60 6.11
CA THR B 295 -21.63 -23.45 6.54
C THR B 295 -21.61 -22.40 5.42
N ALA B 296 -21.39 -22.87 4.20
CA ALA B 296 -21.34 -21.95 3.06
C ALA B 296 -22.66 -21.20 2.92
N VAL B 297 -23.76 -21.93 3.05
CA VAL B 297 -25.08 -21.32 2.99
C VAL B 297 -25.29 -20.30 4.12
N ALA B 298 -24.85 -20.64 5.33
CA ALA B 298 -25.01 -19.74 6.48
C ALA B 298 -24.23 -18.46 6.27
N ILE B 299 -23.02 -18.59 5.72
CA ILE B 299 -22.19 -17.44 5.36
C ILE B 299 -22.90 -16.56 4.35
N THR B 300 -23.44 -17.17 3.31
CA THR B 300 -24.18 -16.43 2.29
C THR B 300 -25.38 -15.67 2.87
N LEU B 301 -26.25 -16.40 3.59
CA LEU B 301 -27.43 -15.78 4.19
C LEU B 301 -27.09 -14.61 5.10
N ALA B 302 -25.99 -14.71 5.83
CA ALA B 302 -25.53 -13.62 6.69
C ALA B 302 -25.24 -12.38 5.86
N CYS B 303 -24.70 -12.58 4.67
CA CYS B 303 -24.41 -11.47 3.76
C CYS B 303 -25.68 -10.70 3.37
N PHE B 304 -26.82 -11.37 3.45
CA PHE B 304 -28.07 -10.74 3.05
C PHE B 304 -29.05 -10.47 4.19
N GLY B 305 -28.53 -10.38 5.41
CA GLY B 305 -29.32 -9.86 6.51
C GLY B 305 -29.61 -10.82 7.64
N LEU B 306 -29.42 -12.11 7.41
CA LEU B 306 -29.65 -13.09 8.47
C LEU B 306 -28.71 -12.75 9.63
N ALA B 307 -29.29 -12.38 10.78
CA ALA B 307 -28.52 -11.96 11.94
C ALA B 307 -28.74 -12.90 13.13
N ARG B 308 -27.68 -13.21 13.86
CA ARG B 308 -27.77 -14.14 14.99
C ARG B 308 -28.57 -13.60 16.16
N GLU B 309 -28.62 -12.28 16.29
CA GLU B 309 -29.44 -11.67 17.34
C GLU B 309 -30.91 -11.85 17.00
N GLY B 310 -31.18 -12.18 15.74
CA GLY B 310 -32.53 -12.44 15.29
C GLY B 310 -32.98 -11.51 14.17
N ASN B 311 -34.15 -11.80 13.63
CA ASN B 311 -34.72 -11.03 12.54
C ASN B 311 -36.23 -10.88 12.70
N HIS B 312 -36.76 -9.76 12.24
CA HIS B 312 -38.20 -9.63 12.13
C HIS B 312 -38.63 -8.63 11.05
N LYS B 313 -39.90 -8.70 10.69
CA LYS B 313 -40.47 -7.80 9.69
C LYS B 313 -41.26 -6.71 10.41
N PRO B 314 -41.51 -5.59 9.72
CA PRO B 314 -42.08 -4.39 10.33
C PRO B 314 -43.53 -4.55 10.81
N ILE B 315 -43.97 -5.78 10.98
CA ILE B 315 -45.32 -6.07 11.45
C ILE B 315 -45.39 -6.17 12.98
N ASP B 316 -46.55 -5.88 13.56
CA ASP B 316 -46.74 -5.90 15.01
C ASP B 316 -46.93 -7.33 15.54
N TYR B 317 -45.89 -7.87 16.17
CA TYR B 317 -45.86 -9.28 16.58
C TYR B 317 -46.63 -9.59 17.86
N LEU B 318 -46.88 -8.57 18.67
CA LEU B 318 -47.61 -8.75 19.92
C LEU B 318 -49.12 -8.56 19.70
N ASN B 319 -49.45 -7.83 18.64
CA ASN B 319 -50.84 -7.53 18.30
C ASN B 319 -51.53 -6.61 19.32
#